data_6KIJ
#
_entry.id   6KIJ
#
_cell.length_a   47.444
_cell.length_b   44.080
_cell.length_c   55.148
_cell.angle_alpha   90.00
_cell.angle_beta   102.33
_cell.angle_gamma   90.00
#
_symmetry.space_group_name_H-M   'P 1 21 1'
#
loop_
_entity.id
_entity.type
_entity.pdbx_description
1 polymer 'SOS response-associated protein'
2 polymer "DNA (5'-D(*GP*AP*TP*TP*CP*GP*TP*CP*G)-3')"
3 non-polymer PENTANE-3,4-DIOL-5-PHOSPHATE
4 non-polymer GLYCEROL
5 water water
#
loop_
_entity_poly.entity_id
_entity_poly.type
_entity_poly.pdbx_seq_one_letter_code
_entity_poly.pdbx_strand_id
1 'polypeptide(L)'
;CGRFAQSQTREDYLALLAEDIERDIPYDPEPIGRYNVAPGTKVLLLSERDEHLHLDPVFWGYAPGWWDKPPLINARVETA
ATSRMFKPLWQHGRAICFADGWFEWKKEGDKKQPFFIYRADGQPIFMAAIGSTPFERGDEAEGFLIVTAAADQGLVDIHD
RRPLVLSPEAAREWMRQEISGKEASEIAASGCVPANQFSWHPVSRAVGNVKNQGAELIQPVLEVLFQ
;
B
2 'polydeoxyribonucleotide' (DG)(DA)(DT)(DT)(DC)(DG)(DT)(DC)(DG) A
#
# COMPACT_ATOMS: atom_id res chain seq x y z
N CYS A 1 -7.35 -5.03 2.35
CA CYS A 1 -5.95 -4.76 2.76
C CYS A 1 -5.99 -3.77 3.87
N GLY A 2 -6.63 -4.14 4.98
CA GLY A 2 -6.76 -3.26 6.12
C GLY A 2 -5.57 -3.28 7.06
N ARG A 3 -4.58 -4.14 6.77
CA ARG A 3 -3.30 -4.16 7.45
C ARG A 3 -2.24 -4.60 6.44
N PHE A 4 -0.99 -4.18 6.67
CA PHE A 4 0.10 -4.69 5.83
C PHE A 4 1.39 -4.57 6.62
N ALA A 5 2.47 -5.14 6.06
CA ALA A 5 3.77 -5.17 6.71
C ALA A 5 4.72 -4.23 5.98
N GLN A 6 5.41 -3.37 6.74
CA GLN A 6 6.46 -2.51 6.20
C GLN A 6 7.62 -2.60 7.19
N SER A 7 8.47 -3.62 7.03
CA SER A 7 9.35 -4.03 8.11
C SER A 7 10.83 -3.84 7.84
N GLN A 8 11.25 -3.69 6.59
CA GLN A 8 12.67 -3.73 6.26
C GLN A 8 13.27 -2.33 6.26
N THR A 9 14.55 -2.22 5.90
CA THR A 9 15.16 -0.90 5.87
C THR A 9 14.67 -0.10 4.68
N ARG A 10 14.81 1.23 4.77
CA ARG A 10 14.44 2.06 3.64
C ARG A 10 15.17 1.64 2.37
N GLU A 11 16.47 1.33 2.48
CA GLU A 11 17.23 0.96 1.28
C GLU A 11 16.70 -0.32 0.66
N ASP A 12 16.24 -1.25 1.48
CA ASP A 12 15.69 -2.50 0.96
C ASP A 12 14.58 -2.24 -0.05
N TYR A 13 13.77 -1.19 0.17
CA TYR A 13 12.71 -0.84 -0.77
C TYR A 13 13.18 0.12 -1.86
N LEU A 14 13.92 1.15 -1.47
CA LEU A 14 14.27 2.20 -2.43
C LEU A 14 15.26 1.74 -3.48
N ALA A 15 16.08 0.72 -3.19
CA ALA A 15 17.09 0.28 -4.16
C ALA A 15 16.45 -0.20 -5.46
N LEU A 16 15.23 -0.72 -5.39
CA LEU A 16 14.54 -1.17 -6.59
C LEU A 16 14.02 -0.03 -7.44
N LEU A 17 13.98 1.20 -6.92
CA LEU A 17 13.31 2.32 -7.57
C LEU A 17 14.24 3.42 -8.06
N ALA A 18 15.25 3.81 -7.28
CA ALA A 18 16.07 4.94 -7.68
C ALA A 18 17.33 5.00 -6.83
N GLU A 19 18.43 5.45 -7.44
CA GLU A 19 19.67 5.66 -6.72
C GLU A 19 19.64 7.01 -6.00
N ASP A 20 20.66 7.26 -5.17
CA ASP A 20 20.67 8.42 -4.27
C ASP A 20 20.46 9.74 -5.02
N ILE A 21 21.01 9.85 -6.23
CA ILE A 21 20.95 11.11 -6.96
C ILE A 21 19.52 11.53 -7.24
N GLU A 22 18.59 10.58 -7.27
CA GLU A 22 17.17 10.89 -7.48
C GLU A 22 16.40 11.08 -6.18
N ARG A 23 17.04 10.90 -5.03
CA ARG A 23 16.33 10.92 -3.76
C ARG A 23 16.58 12.23 -3.03
N ASP A 24 15.69 12.54 -2.09
CA ASP A 24 15.87 13.59 -1.11
C ASP A 24 15.38 12.97 0.20
N ILE A 25 16.02 11.86 0.57
CA ILE A 25 15.64 11.00 1.69
C ILE A 25 16.90 10.67 2.48
N PRO A 26 17.05 11.13 3.73
CA PRO A 26 18.28 10.83 4.47
C PRO A 26 18.53 9.33 4.61
N TYR A 27 19.80 8.97 4.57
CA TYR A 27 20.21 7.61 4.91
C TYR A 27 19.79 7.28 6.34
N ASP A 28 19.25 6.08 6.52
CA ASP A 28 18.84 5.56 7.82
C ASP A 28 18.91 4.04 7.78
N PRO A 29 19.81 3.41 8.55
CA PRO A 29 19.97 1.96 8.47
C PRO A 29 18.96 1.17 9.30
N GLU A 30 18.10 1.82 10.06
CA GLU A 30 17.25 1.09 11.00
C GLU A 30 16.05 0.49 10.29
N PRO A 31 15.81 -0.82 10.42
CA PRO A 31 14.61 -1.39 9.81
C PRO A 31 13.36 -0.67 10.29
N ILE A 32 12.40 -0.49 9.38
CA ILE A 32 11.17 0.21 9.76
C ILE A 32 10.42 -0.59 10.83
N GLY A 33 10.46 -1.91 10.72
CA GLY A 33 10.07 -2.80 11.80
C GLY A 33 8.60 -2.92 12.07
N ARG A 34 7.74 -2.51 11.16
CA ARG A 34 6.29 -2.53 11.39
C ARG A 34 5.68 -3.72 10.65
N TYR A 35 5.49 -4.84 11.34
CA TYR A 35 4.86 -5.95 10.65
C TYR A 35 3.33 -5.87 10.61
N ASN A 36 2.73 -4.81 11.19
CA ASN A 36 1.26 -4.77 11.35
C ASN A 36 0.81 -3.30 11.27
N VAL A 37 0.97 -2.72 10.08
CA VAL A 37 0.61 -1.31 9.82
C VAL A 37 -0.91 -1.19 9.73
N ALA A 38 -1.48 -0.23 10.47
CA ALA A 38 -2.93 -0.11 10.58
C ALA A 38 -3.41 1.27 10.12
N PRO A 39 -4.65 1.36 9.63
CA PRO A 39 -5.23 2.67 9.29
C PRO A 39 -5.24 3.62 10.47
N GLY A 40 -5.14 4.92 10.17
CA GLY A 40 -5.13 5.93 11.19
C GLY A 40 -3.76 6.24 11.74
N THR A 41 -2.79 5.36 11.50
CA THR A 41 -1.40 5.65 11.83
C THR A 41 -0.75 6.36 10.65
N LYS A 42 0.32 7.09 10.95
CA LYS A 42 1.13 7.62 9.88
C LYS A 42 2.07 6.54 9.34
N VAL A 43 2.21 6.51 8.03
CA VAL A 43 2.99 5.51 7.33
C VAL A 43 3.97 6.22 6.42
N LEU A 44 5.21 5.75 6.40
CA LEU A 44 6.19 6.29 5.47
C LEU A 44 5.69 6.07 4.04
N LEU A 45 5.48 7.18 3.33
CA LEU A 45 4.87 7.21 2.01
C LEU A 45 5.83 7.87 1.04
N LEU A 46 6.02 7.26 -0.13
CA LEU A 46 6.97 7.73 -1.13
C LEU A 46 6.25 8.55 -2.19
N SER A 47 6.81 9.72 -2.53
CA SER A 47 6.26 10.52 -3.61
C SER A 47 7.38 11.35 -4.23
N GLU A 48 7.04 12.05 -5.30
CA GLU A 48 8.01 12.88 -6.03
C GLU A 48 7.58 14.33 -5.98
N ARG A 49 8.49 15.20 -5.55
CA ARG A 49 8.31 16.65 -5.65
C ARG A 49 9.69 17.26 -5.80
N ASP A 50 9.76 18.42 -6.46
CA ASP A 50 11.04 19.08 -6.70
C ASP A 50 12.02 18.15 -7.43
N GLU A 51 11.49 17.28 -8.28
CA GLU A 51 12.27 16.35 -9.12
C GLU A 51 13.02 15.29 -8.32
N HIS A 52 12.65 15.04 -7.07
CA HIS A 52 13.31 14.02 -6.26
C HIS A 52 12.26 13.22 -5.52
N LEU A 53 12.64 12.01 -5.13
CA LEU A 53 11.75 11.20 -4.30
C LEU A 53 11.87 11.63 -2.84
N HIS A 54 10.71 11.73 -2.20
CA HIS A 54 10.60 12.09 -0.79
C HIS A 54 9.86 11.00 -0.05
N LEU A 55 10.20 10.83 1.23
CA LEU A 55 9.56 9.85 2.10
C LEU A 55 9.02 10.61 3.31
N ASP A 56 7.69 10.67 3.42
CA ASP A 56 7.02 11.45 4.45
C ASP A 56 6.13 10.53 5.29
N PRO A 57 6.04 10.75 6.62
CA PRO A 57 5.04 10.01 7.41
C PRO A 57 3.65 10.58 7.16
N VAL A 58 2.77 9.79 6.54
CA VAL A 58 1.47 10.29 6.12
C VAL A 58 0.37 9.42 6.74
N PHE A 59 -0.62 10.08 7.31
CA PHE A 59 -1.83 9.46 7.84
C PHE A 59 -2.49 8.53 6.81
N TRP A 60 -2.69 7.27 7.20
CA TRP A 60 -3.37 6.31 6.32
C TRP A 60 -4.87 6.49 6.56
N GLY A 61 -5.52 7.17 5.63
CA GLY A 61 -6.92 7.51 5.76
C GLY A 61 -7.20 8.82 5.06
N TYR A 62 -8.46 9.00 4.65
CA TYR A 62 -8.85 10.22 3.95
C TYR A 62 -10.26 10.58 4.35
N ALA A 63 -10.41 11.73 5.02
CA ALA A 63 -11.72 12.18 5.48
C ALA A 63 -11.77 13.70 5.41
N PRO A 64 -12.30 14.26 4.33
CA PRO A 64 -12.50 15.70 4.27
C PRO A 64 -13.43 16.19 5.36
N GLY A 65 -13.46 17.51 5.53
CA GLY A 65 -14.31 18.08 6.57
C GLY A 65 -15.77 17.76 6.39
N TRP A 66 -16.20 17.55 5.15
CA TRP A 66 -17.59 17.26 4.82
C TRP A 66 -17.94 15.77 4.91
N TRP A 67 -16.95 14.92 5.19
CA TRP A 67 -17.14 13.48 5.25
C TRP A 67 -17.53 13.05 6.67
N ASP A 68 -18.67 12.39 6.79
CA ASP A 68 -19.29 12.08 8.08
C ASP A 68 -19.19 10.60 8.44
N LYS A 69 -18.22 9.89 7.90
CA LYS A 69 -17.98 8.49 8.19
C LYS A 69 -16.54 8.34 8.64
N PRO A 70 -16.14 7.17 9.12
CA PRO A 70 -14.71 6.92 9.34
C PRO A 70 -13.94 7.20 8.07
N PRO A 71 -12.66 7.56 8.16
CA PRO A 71 -11.91 7.87 6.95
C PRO A 71 -11.86 6.67 6.01
N LEU A 72 -11.95 6.95 4.71
CA LEU A 72 -11.70 5.91 3.73
C LEU A 72 -10.22 5.52 3.77
N ILE A 73 -9.95 4.26 3.47
CA ILE A 73 -8.57 3.77 3.40
C ILE A 73 -8.21 3.25 2.03
N ASN A 74 -9.18 3.02 1.15
CA ASN A 74 -8.95 2.51 -0.20
C ASN A 74 -9.74 3.35 -1.20
N ALA A 75 -9.28 3.33 -2.45
CA ALA A 75 -9.99 3.90 -3.58
C ALA A 75 -9.96 2.90 -4.72
N ARG A 76 -11.12 2.62 -5.32
CA ARG A 76 -11.19 1.60 -6.34
C ARG A 76 -10.62 2.10 -7.66
N VAL A 77 -9.71 1.31 -8.26
CA VAL A 77 -9.07 1.71 -9.51
C VAL A 77 -10.10 1.89 -10.62
N GLU A 78 -11.21 1.14 -10.55
CA GLU A 78 -12.21 1.19 -11.60
C GLU A 78 -12.77 2.59 -11.80
N THR A 79 -12.80 3.40 -10.75
CA THR A 79 -13.51 4.67 -10.79
C THR A 79 -12.75 5.85 -10.20
N ALA A 80 -11.58 5.64 -9.58
CA ALA A 80 -10.97 6.71 -8.81
C ALA A 80 -10.57 7.91 -9.68
N ALA A 81 -10.15 7.66 -10.93
CA ALA A 81 -9.67 8.78 -11.74
C ALA A 81 -10.77 9.74 -12.15
N THR A 82 -12.03 9.28 -12.19
CA THR A 82 -13.17 10.11 -12.58
C THR A 82 -14.08 10.44 -11.41
N SER A 83 -13.81 9.90 -10.23
CA SER A 83 -14.62 10.15 -9.03
C SER A 83 -14.57 11.63 -8.66
N ARG A 84 -15.73 12.18 -8.30
CA ARG A 84 -15.76 13.55 -7.83
C ARG A 84 -14.85 13.72 -6.61
N MET A 85 -14.79 12.69 -5.76
CA MET A 85 -14.00 12.76 -4.54
C MET A 85 -12.51 12.54 -4.80
N PHE A 86 -12.15 11.63 -5.71
CA PHE A 86 -10.77 11.21 -5.84
C PHE A 86 -10.03 11.79 -7.04
N LYS A 87 -10.73 12.33 -8.04
CA LYS A 87 -10.05 12.80 -9.24
C LYS A 87 -8.90 13.75 -8.95
N PRO A 88 -9.02 14.76 -8.07
CA PRO A 88 -7.85 15.61 -7.81
C PRO A 88 -6.69 14.86 -7.18
N LEU A 89 -6.97 13.84 -6.37
CA LEU A 89 -5.89 13.05 -5.79
C LEU A 89 -5.21 12.19 -6.85
N TRP A 90 -6.00 11.66 -7.79
CA TRP A 90 -5.45 10.90 -8.90
C TRP A 90 -4.53 11.77 -9.76
N GLN A 91 -4.87 13.04 -9.92
CA GLN A 91 -4.07 13.92 -10.78
C GLN A 91 -2.83 14.44 -10.08
N HIS A 92 -2.94 14.84 -8.81
CA HIS A 92 -1.87 15.59 -8.16
C HIS A 92 -1.32 14.93 -6.92
N GLY A 93 -1.97 13.91 -6.39
CA GLY A 93 -1.53 13.33 -5.15
C GLY A 93 -1.12 11.86 -5.26
N ARG A 94 -0.61 11.45 -6.41
CA ARG A 94 -0.18 10.06 -6.53
C ARG A 94 1.09 9.83 -5.69
N ALA A 95 1.19 8.62 -5.15
CA ALA A 95 2.30 8.22 -4.28
C ALA A 95 2.43 6.71 -4.36
N ILE A 96 3.47 6.20 -3.71
CA ILE A 96 3.69 4.77 -3.59
C ILE A 96 3.86 4.43 -2.12
N CYS A 97 3.21 3.37 -1.67
CA CYS A 97 3.44 2.86 -0.32
C CYS A 97 4.09 1.49 -0.48
N PHE A 98 5.38 1.40 -0.13
CA PHE A 98 6.06 0.12 -0.26
C PHE A 98 5.81 -0.74 0.97
N ALA A 99 5.91 -2.06 0.79
CA ALA A 99 5.53 -3.02 1.82
C ALA A 99 6.10 -4.38 1.47
N ASP A 100 6.08 -5.28 2.46
CA ASP A 100 6.49 -6.65 2.25
C ASP A 100 5.36 -7.52 1.75
N GLY A 101 4.13 -7.10 2.01
CA GLY A 101 2.95 -7.89 1.73
C GLY A 101 1.82 -7.29 2.53
N TRP A 102 0.62 -7.85 2.35
CA TRP A 102 -0.55 -7.37 3.07
C TRP A 102 -1.32 -8.54 3.68
N PHE A 103 -2.25 -8.20 4.57
CA PHE A 103 -3.07 -9.17 5.28
C PHE A 103 -4.51 -9.08 4.81
N GLU A 104 -5.18 -10.24 4.78
CA GLU A 104 -6.62 -10.32 4.59
C GLU A 104 -7.16 -11.37 5.54
N TRP A 105 -8.40 -11.18 5.98
CA TRP A 105 -9.08 -12.14 6.84
C TRP A 105 -10.09 -12.91 6.02
N LYS A 106 -9.93 -14.23 5.96
CA LYS A 106 -10.86 -15.10 5.24
C LYS A 106 -11.96 -15.55 6.19
N LYS A 107 -13.22 -15.41 5.75
CA LYS A 107 -14.33 -15.84 6.57
C LYS A 107 -14.45 -17.36 6.50
N GLU A 108 -14.49 -18.01 7.67
CA GLU A 108 -14.60 -19.47 7.77
C GLU A 108 -15.65 -19.74 8.83
N GLY A 109 -16.91 -19.72 8.41
CA GLY A 109 -18.01 -19.79 9.36
C GLY A 109 -18.18 -18.46 10.03
N ASP A 110 -18.28 -18.47 11.35
CA ASP A 110 -18.26 -17.24 12.14
C ASP A 110 -16.85 -16.85 12.54
N LYS A 111 -15.85 -17.62 12.13
CA LYS A 111 -14.45 -17.33 12.40
C LYS A 111 -13.83 -16.56 11.24
N LYS A 112 -12.79 -15.78 11.55
CA LYS A 112 -12.05 -15.03 10.55
C LYS A 112 -10.58 -15.38 10.67
N GLN A 113 -10.02 -15.99 9.62
CA GLN A 113 -8.63 -16.44 9.66
C GLN A 113 -7.74 -15.51 8.87
N PRO A 114 -6.73 -14.89 9.48
CA PRO A 114 -5.84 -14.01 8.72
C PRO A 114 -4.86 -14.76 7.83
N PHE A 115 -4.57 -14.15 6.68
CA PHE A 115 -3.59 -14.63 5.72
C PHE A 115 -2.63 -13.49 5.42
N PHE A 116 -1.38 -13.85 5.13
CA PHE A 116 -0.39 -12.91 4.62
C PHE A 116 -0.14 -13.20 3.16
N ILE A 117 -0.15 -12.15 2.34
CA ILE A 117 -0.08 -12.26 0.88
C ILE A 117 1.13 -11.46 0.42
N TYR A 118 1.95 -12.05 -0.45
CA TYR A 118 3.23 -11.43 -0.82
C TYR A 118 3.62 -11.93 -2.21
N ARG A 119 4.65 -11.31 -2.78
CA ARG A 119 5.12 -11.73 -4.10
C ARG A 119 5.89 -13.05 -4.04
N ALA A 120 5.47 -14.02 -4.86
CA ALA A 120 6.20 -15.28 -4.93
C ALA A 120 7.66 -15.10 -5.31
N ASP A 121 7.98 -14.06 -6.08
CA ASP A 121 9.38 -13.85 -6.47
C ASP A 121 10.20 -13.14 -5.41
N GLY A 122 9.62 -12.84 -4.25
CA GLY A 122 10.40 -12.33 -3.15
C GLY A 122 10.75 -10.86 -3.21
N GLN A 123 10.22 -10.10 -4.17
CA GLN A 123 10.37 -8.66 -4.17
C GLN A 123 9.36 -8.04 -3.21
N PRO A 124 9.65 -6.84 -2.68
CA PRO A 124 8.62 -6.08 -1.98
C PRO A 124 7.56 -5.64 -2.96
N ILE A 125 6.41 -5.22 -2.43
CA ILE A 125 5.33 -4.68 -3.27
C ILE A 125 5.36 -3.17 -3.22
N PHE A 126 5.05 -2.54 -4.35
CA PHE A 126 4.92 -1.10 -4.45
C PHE A 126 3.44 -0.82 -4.70
N MET A 127 2.74 -0.43 -3.64
CA MET A 127 1.30 -0.22 -3.73
C MET A 127 0.99 1.17 -4.25
N ALA A 128 0.12 1.24 -5.26
CA ALA A 128 -0.32 2.53 -5.77
C ALA A 128 -1.18 3.22 -4.71
N ALA A 129 -0.86 4.49 -4.45
CA ALA A 129 -1.58 5.28 -3.47
C ALA A 129 -1.95 6.62 -4.09
N ILE A 130 -3.02 7.22 -3.58
CA ILE A 130 -3.38 8.60 -3.91
C ILE A 130 -3.69 9.29 -2.59
N GLY A 131 -3.43 10.61 -2.53
CA GLY A 131 -3.58 11.28 -1.25
C GLY A 131 -3.58 12.79 -1.39
N SER A 132 -3.64 13.46 -0.24
CA SER A 132 -3.79 14.90 -0.16
C SER A 132 -2.44 15.59 -0.02
N THR A 133 -1.99 16.28 -1.08
CA THR A 133 -0.77 17.06 -1.02
C THR A 133 -1.06 18.44 -0.42
N PRO A 134 -0.07 19.06 0.24
CA PRO A 134 1.30 18.58 0.49
C PRO A 134 1.37 17.54 1.59
N PHE A 135 2.03 16.42 1.28
CA PHE A 135 2.12 15.32 2.23
C PHE A 135 2.92 15.70 3.47
N GLU A 136 3.87 16.62 3.32
CA GLU A 136 4.76 16.92 4.44
C GLU A 136 4.09 17.70 5.56
N ARG A 137 2.83 18.12 5.40
CA ARG A 137 2.19 18.87 6.48
C ARG A 137 1.79 17.97 7.64
N GLY A 138 1.77 16.65 7.46
CA GLY A 138 1.42 15.76 8.56
C GLY A 138 -0.04 15.80 8.97
N ASP A 139 -0.95 16.02 8.03
CA ASP A 139 -2.36 16.09 8.32
C ASP A 139 -2.86 14.82 9.01
N GLU A 140 -3.85 14.99 9.88
CA GLU A 140 -4.36 13.87 10.66
C GLU A 140 -5.79 13.49 10.28
N ALA A 141 -6.25 13.94 9.10
CA ALA A 141 -7.57 13.59 8.59
C ALA A 141 -7.52 13.28 7.09
N GLU A 142 -6.76 14.07 6.33
CA GLU A 142 -6.65 13.88 4.88
C GLU A 142 -5.22 13.46 4.57
N GLY A 143 -5.00 12.15 4.48
CA GLY A 143 -3.71 11.56 4.21
C GLY A 143 -3.70 10.84 2.88
N PHE A 144 -3.49 9.53 2.87
CA PHE A 144 -3.49 8.77 1.63
C PHE A 144 -4.43 7.58 1.71
N LEU A 145 -4.76 7.07 0.53
CA LEU A 145 -5.53 5.84 0.34
C LEU A 145 -4.70 4.88 -0.51
N ILE A 146 -4.91 3.58 -0.30
CA ILE A 146 -4.32 2.56 -1.15
C ILE A 146 -5.33 2.22 -2.25
N VAL A 147 -4.89 2.35 -3.51
CA VAL A 147 -5.74 2.01 -4.64
C VAL A 147 -5.93 0.50 -4.66
N THR A 148 -7.15 0.05 -4.97
CA THR A 148 -7.48 -1.36 -4.99
C THR A 148 -7.87 -1.82 -6.38
N ALA A 149 -7.75 -3.12 -6.59
CA ALA A 149 -8.18 -3.78 -7.82
C ALA A 149 -8.89 -5.07 -7.44
N ALA A 150 -9.59 -5.65 -8.41
CA ALA A 150 -10.28 -6.92 -8.18
C ALA A 150 -9.26 -8.03 -7.95
N ALA A 151 -9.54 -8.89 -6.97
CA ALA A 151 -8.81 -10.14 -6.87
C ALA A 151 -9.26 -11.07 -7.97
N ASP A 152 -8.33 -11.90 -8.46
CA ASP A 152 -8.68 -12.92 -9.43
C ASP A 152 -7.84 -14.15 -9.15
N GLN A 153 -8.15 -15.21 -9.88
CA GLN A 153 -7.45 -16.50 -9.77
C GLN A 153 -7.54 -16.96 -8.31
N GLY A 154 -6.49 -17.58 -7.75
CA GLY A 154 -6.57 -18.16 -6.42
C GLY A 154 -6.81 -17.15 -5.31
N LEU A 155 -6.46 -15.89 -5.54
CA LEU A 155 -6.62 -14.88 -4.51
C LEU A 155 -8.07 -14.68 -4.11
N VAL A 156 -9.04 -14.98 -4.99
CA VAL A 156 -10.44 -14.75 -4.64
C VAL A 156 -10.89 -15.69 -3.53
N ASP A 157 -10.17 -16.79 -3.30
CA ASP A 157 -10.46 -17.65 -2.15
C ASP A 157 -10.30 -16.90 -0.84
N ILE A 158 -9.43 -15.90 -0.80
CA ILE A 158 -9.12 -15.20 0.44
C ILE A 158 -9.98 -13.96 0.62
N HIS A 159 -10.11 -13.16 -0.42
CA HIS A 159 -10.77 -11.86 -0.34
C HIS A 159 -10.99 -11.35 -1.76
N ASP A 160 -12.04 -10.53 -1.94
CA ASP A 160 -12.45 -10.15 -3.28
C ASP A 160 -11.72 -8.93 -3.85
N ARG A 161 -10.93 -8.24 -3.04
CA ARG A 161 -10.19 -7.06 -3.48
C ARG A 161 -8.74 -7.18 -3.01
N ARG A 162 -7.86 -6.43 -3.66
CA ARG A 162 -6.44 -6.43 -3.30
C ARG A 162 -5.87 -5.07 -3.62
N PRO A 163 -4.74 -4.70 -3.02
CA PRO A 163 -4.07 -3.47 -3.43
C PRO A 163 -3.64 -3.55 -4.90
N LEU A 164 -3.71 -2.40 -5.55
CA LEU A 164 -3.13 -2.25 -6.88
C LEU A 164 -1.62 -2.19 -6.68
N VAL A 165 -0.94 -3.27 -7.01
CA VAL A 165 0.52 -3.38 -6.88
C VAL A 165 1.12 -3.11 -8.25
N LEU A 166 2.14 -2.25 -8.29
CA LEU A 166 2.81 -1.88 -9.54
C LEU A 166 4.21 -2.47 -9.58
N SER A 167 4.68 -2.78 -10.80
CA SER A 167 6.08 -3.14 -10.97
C SER A 167 6.97 -2.00 -10.50
N PRO A 168 8.23 -2.27 -10.15
CA PRO A 168 9.14 -1.16 -9.81
C PRO A 168 9.21 -0.09 -10.89
N GLU A 169 9.27 -0.50 -12.15
CA GLU A 169 9.31 0.45 -13.25
C GLU A 169 8.04 1.28 -13.31
N ALA A 170 6.88 0.63 -13.20
CA ALA A 170 5.62 1.36 -13.24
C ALA A 170 5.45 2.25 -12.01
N ALA A 171 5.93 1.81 -10.85
CA ALA A 171 5.85 2.64 -9.65
C ALA A 171 6.61 3.95 -9.82
N ARG A 172 7.79 3.88 -10.45
CA ARG A 172 8.58 5.08 -10.67
C ARG A 172 7.85 6.05 -11.59
N GLU A 173 7.24 5.53 -12.65
CA GLU A 173 6.52 6.42 -13.57
C GLU A 173 5.27 7.01 -12.94
N TRP A 174 4.55 6.18 -12.16
CA TRP A 174 3.34 6.62 -11.45
C TRP A 174 3.58 7.87 -10.62
N MET A 175 4.75 7.96 -9.98
CA MET A 175 5.01 9.07 -9.07
C MET A 175 5.35 10.37 -9.79
N ARG A 176 5.72 10.33 -11.05
CA ARG A 176 6.23 11.53 -11.71
C ARG A 176 5.16 12.61 -11.78
N GLN A 177 5.56 13.84 -11.43
CA GLN A 177 4.59 14.93 -11.46
C GLN A 177 4.28 15.38 -12.88
N GLU A 178 5.16 15.07 -13.83
CA GLU A 178 5.00 15.55 -15.21
C GLU A 178 3.97 14.75 -16.01
N ILE A 179 3.53 13.59 -15.53
CA ILE A 179 2.57 12.79 -16.28
C ILE A 179 1.16 13.11 -15.80
N SER A 180 0.22 13.10 -16.73
CA SER A 180 -1.16 13.49 -16.47
C SER A 180 -1.93 12.37 -15.79
N GLY A 181 -3.13 12.71 -15.32
CA GLY A 181 -4.03 11.68 -14.77
C GLY A 181 -4.37 10.60 -15.79
N LYS A 182 -4.55 10.99 -17.05
CA LYS A 182 -4.80 10.00 -18.09
C LYS A 182 -3.61 9.06 -18.26
N GLU A 183 -2.40 9.61 -18.26
CA GLU A 183 -1.20 8.79 -18.34
C GLU A 183 -1.09 7.88 -17.13
N ALA A 184 -1.47 8.39 -15.95
CA ALA A 184 -1.45 7.57 -14.75
C ALA A 184 -2.43 6.40 -14.86
N SER A 185 -3.60 6.65 -15.47
CA SER A 185 -4.55 5.56 -15.69
C SER A 185 -3.98 4.50 -16.61
N GLU A 186 -3.15 4.90 -17.58
CA GLU A 186 -2.51 3.94 -18.47
C GLU A 186 -1.45 3.15 -17.73
N ILE A 187 -0.70 3.83 -16.84
CA ILE A 187 0.31 3.15 -16.03
C ILE A 187 -0.34 2.15 -15.09
N ALA A 188 -1.46 2.53 -14.47
CA ALA A 188 -2.16 1.62 -13.59
C ALA A 188 -2.63 0.38 -14.34
N ALA A 189 -3.06 0.57 -15.59
CA ALA A 189 -3.52 -0.57 -16.38
C ALA A 189 -2.35 -1.43 -16.82
N SER A 190 -1.27 -0.82 -17.30
CA SER A 190 -0.17 -1.58 -17.90
C SER A 190 0.82 -2.12 -16.87
N GLY A 191 0.94 -1.48 -15.71
CA GLY A 191 1.93 -1.85 -14.73
C GLY A 191 1.43 -2.67 -13.56
N CYS A 192 0.16 -3.05 -13.56
N CYS A 192 0.15 -3.01 -13.53
CA CYS A 192 -0.43 -3.80 -12.46
CA CYS A 192 -0.38 -3.76 -12.40
C CYS A 192 0.12 -5.22 -12.43
C CYS A 192 0.14 -5.19 -12.43
N VAL A 193 0.48 -5.70 -11.25
CA VAL A 193 1.04 -7.05 -11.10
C VAL A 193 -0.12 -8.04 -11.01
N PRO A 194 -0.14 -9.07 -11.84
CA PRO A 194 -1.30 -9.98 -11.87
C PRO A 194 -1.31 -10.92 -10.67
N ALA A 195 -2.50 -11.48 -10.43
CA ALA A 195 -2.72 -12.29 -9.24
C ALA A 195 -1.81 -13.52 -9.18
N ASN A 196 -1.44 -14.09 -10.32
CA ASN A 196 -0.62 -15.30 -10.27
C ASN A 196 0.81 -15.01 -9.82
N GLN A 197 1.16 -13.76 -9.57
CA GLN A 197 2.48 -13.44 -9.06
C GLN A 197 2.54 -13.47 -7.54
N PHE A 198 1.43 -13.78 -6.87
CA PHE A 198 1.36 -13.72 -5.42
C PHE A 198 1.23 -15.13 -4.83
N SER A 199 1.78 -15.26 -3.63
CA SER A 199 1.64 -16.43 -2.77
C SER A 199 1.04 -15.97 -1.46
N TRP A 200 0.54 -16.93 -0.68
CA TRP A 200 -0.11 -16.57 0.58
C TRP A 200 -0.18 -17.79 1.48
N HIS A 201 -0.35 -17.51 2.77
CA HIS A 201 -0.49 -18.58 3.75
C HIS A 201 -1.22 -18.02 4.98
N PRO A 202 -1.86 -18.87 5.76
CA PRO A 202 -2.47 -18.40 7.00
C PRO A 202 -1.39 -18.00 7.99
N VAL A 203 -1.72 -17.02 8.84
CA VAL A 203 -0.82 -16.55 9.89
C VAL A 203 -1.57 -16.55 11.21
N SER A 204 -0.82 -16.25 12.28
CA SER A 204 -1.39 -16.27 13.61
C SER A 204 -2.49 -15.23 13.74
N ARG A 205 -3.50 -15.55 14.57
CA ARG A 205 -4.58 -14.59 14.83
C ARG A 205 -4.09 -13.35 15.56
N ALA A 206 -2.88 -13.40 16.13
CA ALA A 206 -2.32 -12.28 16.88
C ALA A 206 -2.22 -10.99 16.04
N VAL A 207 -2.14 -11.09 14.71
CA VAL A 207 -2.02 -9.87 13.92
C VAL A 207 -3.27 -9.01 14.06
N GLY A 208 -4.39 -9.58 14.52
CA GLY A 208 -5.59 -8.77 14.68
C GLY A 208 -5.41 -7.65 15.69
N ASN A 209 -4.49 -7.83 16.64
CA ASN A 209 -4.24 -6.87 17.71
C ASN A 209 -3.06 -5.99 17.31
N VAL A 210 -3.32 -4.69 17.10
CA VAL A 210 -2.30 -3.77 16.62
C VAL A 210 -1.17 -3.54 17.61
N LYS A 211 -1.33 -3.97 18.86
CA LYS A 211 -0.19 -3.94 19.78
C LYS A 211 0.96 -4.79 19.27
N ASN A 212 0.66 -5.81 18.46
CA ASN A 212 1.68 -6.75 18.01
C ASN A 212 2.30 -6.28 16.70
N GLN A 213 3.63 -6.21 16.68
CA GLN A 213 4.34 -5.69 15.52
C GLN A 213 5.53 -6.55 15.11
N GLY A 214 5.67 -7.76 15.67
CA GLY A 214 6.86 -8.57 15.45
C GLY A 214 6.83 -9.41 14.19
N ALA A 215 8.03 -9.89 13.83
CA ALA A 215 8.23 -10.67 12.61
C ALA A 215 7.46 -11.99 12.64
N GLU A 216 7.09 -12.49 13.82
CA GLU A 216 6.33 -13.72 13.86
C GLU A 216 4.96 -13.58 13.20
N LEU A 217 4.46 -12.35 13.04
CA LEU A 217 3.12 -12.17 12.51
C LEU A 217 2.98 -12.55 11.03
N ILE A 218 4.07 -12.65 10.27
CA ILE A 218 3.96 -13.05 8.87
C ILE A 218 4.35 -14.52 8.66
N GLN A 219 4.63 -15.26 9.75
CA GLN A 219 5.04 -16.66 9.61
C GLN A 219 3.85 -17.56 9.30
N PRO A 220 4.01 -18.57 8.46
CA PRO A 220 2.91 -19.49 8.17
C PRO A 220 2.54 -20.33 9.40
N VAL A 221 1.25 -20.60 9.56
CA VAL A 221 0.74 -21.41 10.66
C VAL A 221 -0.23 -22.45 10.11
N LEU A 222 -0.53 -23.45 10.93
CA LEU A 222 -1.63 -24.36 10.68
C LEU A 222 -2.93 -23.75 11.19
N GLU A 223 -3.94 -23.69 10.31
CA GLU A 223 -5.24 -23.18 10.72
C GLU A 223 -5.82 -23.95 11.89
N VAL A 224 -5.52 -25.25 11.98
CA VAL A 224 -6.14 -26.09 13.00
C VAL A 224 -5.79 -25.64 14.41
N LEU A 225 -4.67 -24.94 14.58
CA LEU A 225 -4.24 -24.50 15.89
C LEU A 225 -4.80 -23.12 16.25
N PHE A 226 -5.70 -22.57 15.43
CA PHE A 226 -6.32 -21.27 15.70
C PHE A 226 -7.84 -21.33 15.51
#